data_4AE4
#
_entry.id   4AE4
#
_cell.length_a   34.404
_cell.length_b   43.480
_cell.length_c   59.413
_cell.angle_alpha   102.58
_cell.angle_beta   96.47
_cell.angle_gamma   113.24
#
_symmetry.space_group_name_H-M   'P 1'
#
loop_
_entity.id
_entity.type
_entity.pdbx_description
1 polymer 'UBIQUITIN-ASSOCIATED PROTEIN 1'
2 polymer 'UBIQUITIN-ASSOCIATED PROTEIN 1'
3 non-polymer '2-[N-CYCLOHEXYLAMINO]ETHANE SULFONIC ACID'
4 non-polymer 'POTASSIUM ION'
5 non-polymer GLYCEROL
6 non-polymer 'SODIUM ION'
7 water water
#
loop_
_entity_poly.entity_id
_entity_poly.type
_entity_poly.pdbx_seq_one_letter_code
_entity_poly.pdbx_strand_id
1 'polypeptide(L)'
;GSH(MSE)SPSERQCVETVVN(MSE)GYSYECVLRA(MSE)KAAGANIEQILDYLFAHGQLCEKGFDPLLVEEALE
(MSE)HQCSEEK(MSE)(MSE)EFLQL(MSE)SKFKE(MSE)GFELKDIKEVLLLHNNDQDNALEDL(MSE)ARAGAS
;
A
2 'polypeptide(L)'
;GSH(MSE)SPSERQCVETVVN(MSO)GYSYECVLRA(MSE)KAAGANIEQILDYLFAHGQLCEKGFDPLLVEEALE
(MSO)HQCSEEK(MSE)(MSE)EFLQL(MSE)SKFKE(MSE)GFELKDIKEVLLLHNNDQDNALEDL(MSE)ARAGAS
;
B
#
# COMPACT_ATOMS: atom_id res chain seq x y z
N SER A 2 -24.85 -3.40 10.73
CA SER A 2 -23.65 -3.92 10.06
C SER A 2 -22.35 -3.36 10.64
N HIS A 3 -21.31 -4.20 10.65
CA HIS A 3 -19.95 -3.82 11.11
C HIS A 3 -19.22 -2.97 10.06
N SER A 5 -18.64 0.11 7.33
CA SER A 5 -18.88 1.55 7.18
C SER A 5 -19.86 1.81 6.04
N PRO A 6 -20.44 3.02 5.99
CA PRO A 6 -21.34 3.29 4.88
C PRO A 6 -20.65 3.19 3.53
N SER A 7 -19.39 3.62 3.46
CA SER A 7 -18.67 3.55 2.19
C SER A 7 -18.42 2.11 1.81
N GLU A 8 -18.08 1.27 2.80
CA GLU A 8 -17.92 -0.14 2.50
C GLU A 8 -19.21 -0.74 1.95
N ARG A 9 -20.35 -0.40 2.57
CA ARG A 9 -21.62 -0.96 2.11
C ARG A 9 -21.92 -0.50 0.66
N GLN A 10 -21.64 0.78 0.37
CA GLN A 10 -21.83 1.30 -0.98
C GLN A 10 -21.00 0.51 -2.01
N CYS A 11 -19.75 0.19 -1.66
CA CYS A 11 -18.88 -0.56 -2.56
C CYS A 11 -19.40 -1.93 -2.82
N VAL A 12 -19.83 -2.62 -1.75
CA VAL A 12 -20.34 -3.97 -1.88
C VAL A 12 -21.58 -3.94 -2.78
N GLU A 13 -22.50 -3.03 -2.50
CA GLU A 13 -23.72 -2.98 -3.27
C GLU A 13 -23.43 -2.78 -4.78
N THR A 14 -22.59 -1.80 -5.10
CA THR A 14 -22.27 -1.49 -6.47
C THR A 14 -21.57 -2.61 -7.18
N VAL A 15 -20.56 -3.20 -6.53
CA VAL A 15 -19.75 -4.22 -7.20
C VAL A 15 -20.47 -5.56 -7.36
N VAL A 16 -21.24 -5.95 -6.34
CA VAL A 16 -22.07 -7.13 -6.49
C VAL A 16 -23.07 -6.93 -7.63
N ASN A 17 -23.48 -5.68 -7.85
CA ASN A 17 -24.36 -5.42 -9.00
C ASN A 17 -23.70 -5.57 -10.37
N GLY A 19 -22.09 -8.04 -11.03
CA GLY A 19 -22.12 -9.48 -11.22
C GLY A 19 -21.07 -10.30 -10.49
N TYR A 20 -20.36 -9.66 -9.55
CA TYR A 20 -19.40 -10.36 -8.72
C TYR A 20 -20.08 -10.95 -7.49
N SER A 21 -19.56 -12.07 -7.02
CA SER A 21 -20.09 -12.71 -5.82
C SER A 21 -19.74 -11.89 -4.57
N TYR A 22 -20.54 -12.02 -3.52
CA TYR A 22 -20.23 -11.31 -2.29
C TYR A 22 -18.86 -11.71 -1.79
N GLU A 23 -18.53 -13.00 -1.83
CA GLU A 23 -17.28 -13.41 -1.20
C GLU A 23 -16.09 -12.75 -1.95
N CYS A 24 -16.14 -12.73 -3.27
CA CYS A 24 -15.10 -12.11 -4.06
C CYS A 24 -14.98 -10.62 -3.77
N VAL A 25 -16.11 -9.95 -3.71
CA VAL A 25 -16.09 -8.52 -3.38
C VAL A 25 -15.52 -8.22 -1.99
N LEU A 26 -15.99 -8.96 -0.97
CA LEU A 26 -15.47 -8.70 0.37
C LEU A 26 -13.98 -8.97 0.42
N ARG A 27 -13.51 -10.04 -0.20
CA ARG A 27 -12.07 -10.33 -0.19
C ARG A 27 -11.29 -9.24 -0.91
N ALA A 28 -11.81 -8.80 -2.06
CA ALA A 28 -11.11 -7.79 -2.84
C ALA A 28 -11.07 -6.48 -2.07
N LYS A 30 -11.08 -6.04 1.17
CA LYS A 30 -10.12 -6.17 2.27
C LYS A 30 -8.67 -5.89 1.76
N ALA A 31 -8.40 -6.39 0.54
CA ALA A 31 -7.09 -6.20 -0.06
C ALA A 31 -6.91 -4.78 -0.62
N ALA A 32 -7.92 -4.29 -1.34
CA ALA A 32 -7.78 -3.08 -2.19
C ALA A 32 -8.32 -1.78 -1.59
N GLY A 33 -9.14 -1.91 -0.54
CA GLY A 33 -9.77 -0.75 0.10
C GLY A 33 -11.15 -0.43 -0.48
N ALA A 34 -11.92 0.34 0.26
CA ALA A 34 -13.33 0.65 -0.09
C ALA A 34 -13.40 1.82 -1.09
N ASN A 35 -13.03 1.51 -2.33
CA ASN A 35 -13.16 2.45 -3.44
C ASN A 35 -13.51 1.53 -4.61
N ILE A 36 -14.55 1.88 -5.35
CA ILE A 36 -15.11 0.93 -6.33
C ILE A 36 -14.09 0.61 -7.45
N GLU A 37 -13.41 1.62 -7.97
CA GLU A 37 -12.44 1.39 -9.02
C GLU A 37 -11.29 0.52 -8.52
N GLN A 38 -10.89 0.75 -7.29
CA GLN A 38 -9.81 -0.09 -6.75
C GLN A 38 -10.24 -1.55 -6.63
N ILE A 39 -11.47 -1.76 -6.20
CA ILE A 39 -11.96 -3.12 -6.04
C ILE A 39 -12.07 -3.80 -7.42
N LEU A 40 -12.64 -3.08 -8.39
CA LEU A 40 -12.84 -3.67 -9.72
C LEU A 40 -11.48 -3.97 -10.37
N ASP A 41 -10.51 -3.09 -10.17
CA ASP A 41 -9.18 -3.27 -10.79
C ASP A 41 -8.52 -4.52 -10.15
N TYR A 42 -8.62 -4.65 -8.82
CA TYR A 42 -8.10 -5.83 -8.15
C TYR A 42 -8.78 -7.13 -8.63
N LEU A 43 -10.12 -7.13 -8.71
CA LEU A 43 -10.86 -8.30 -9.11
C LEU A 43 -10.44 -8.70 -10.52
N PHE A 44 -10.32 -7.70 -11.39
CA PHE A 44 -10.00 -7.98 -12.79
C PHE A 44 -8.57 -8.52 -12.92
N ALA A 45 -7.61 -7.86 -12.28
CA ALA A 45 -6.22 -8.30 -12.35
C ALA A 45 -6.04 -9.72 -11.75
N HIS A 46 -6.66 -9.94 -10.60
CA HIS A 46 -6.57 -11.23 -9.95
C HIS A 46 -7.09 -12.33 -10.89
N GLY A 47 -8.27 -12.13 -11.49
CA GLY A 47 -8.81 -13.03 -12.51
C GLY A 47 -7.87 -13.27 -13.69
N GLN A 48 -7.32 -12.20 -14.25
CA GLN A 48 -6.52 -12.31 -15.47
C GLN A 48 -5.26 -13.10 -15.16
N LEU A 49 -4.67 -12.85 -13.99
CA LEU A 49 -3.37 -13.47 -13.67
C LEU A 49 -3.57 -14.95 -13.36
N CYS A 50 -4.65 -15.27 -12.67
CA CYS A 50 -4.99 -16.68 -12.41
C CYS A 50 -5.28 -17.40 -13.73
N GLU A 51 -5.96 -16.73 -14.67
CA GLU A 51 -6.25 -17.34 -15.97
C GLU A 51 -4.95 -17.65 -16.72
N LYS A 52 -3.92 -16.83 -16.51
CA LYS A 52 -2.62 -17.08 -17.15
C LYS A 52 -1.87 -18.24 -16.50
N GLY A 53 -2.37 -18.74 -15.37
CA GLY A 53 -1.78 -19.92 -14.76
C GLY A 53 -0.92 -19.64 -13.54
N PHE A 54 -0.90 -18.39 -13.08
CA PHE A 54 -0.15 -18.06 -11.87
C PHE A 54 -0.87 -18.61 -10.63
N ASP A 55 -0.12 -19.01 -9.62
CA ASP A 55 -0.67 -19.48 -8.35
C ASP A 55 -1.44 -18.32 -7.68
N PRO A 56 -2.73 -18.50 -7.34
CA PRO A 56 -3.48 -17.38 -6.75
C PRO A 56 -2.83 -16.79 -5.48
N LEU A 57 -2.20 -17.64 -4.66
CA LEU A 57 -1.49 -17.12 -3.50
C LEU A 57 -0.38 -16.15 -3.93
N LEU A 58 0.32 -16.47 -5.00
CA LEU A 58 1.41 -15.60 -5.44
C LEU A 58 0.85 -14.35 -6.11
N VAL A 59 -0.21 -14.53 -6.89
CA VAL A 59 -0.90 -13.36 -7.44
C VAL A 59 -1.28 -12.37 -6.35
N GLU A 60 -1.85 -12.87 -5.26
CA GLU A 60 -2.26 -12.00 -4.15
C GLU A 60 -1.05 -11.28 -3.52
N GLU A 61 0.09 -11.97 -3.44
CA GLU A 61 1.27 -11.30 -2.87
C GLU A 61 1.75 -10.18 -3.80
N ALA A 62 1.69 -10.44 -5.12
CA ALA A 62 2.15 -9.45 -6.08
C ALA A 62 1.22 -8.22 -6.13
N LEU A 63 -0.09 -8.42 -6.05
CA LEU A 63 -1.02 -7.32 -6.07
C LEU A 63 -0.83 -6.48 -4.81
N GLU A 64 -0.41 -7.09 -3.71
CA GLU A 64 -0.20 -6.34 -2.48
C GLU A 64 1.09 -5.53 -2.53
N HIS A 66 2.99 -4.46 -5.13
CA HIS A 66 3.24 -3.51 -6.20
C HIS A 66 1.95 -2.97 -6.71
N GLN A 67 1.39 -2.05 -5.95
CA GLN A 67 0.14 -1.44 -6.31
C GLN A 67 0.34 -0.30 -7.33
N CYS A 68 1.58 0.16 -7.53
CA CYS A 68 1.78 1.37 -8.35
C CYS A 68 2.21 1.11 -9.79
N SER A 69 3.00 0.07 -9.99
CA SER A 69 3.45 -0.28 -11.31
C SER A 69 2.98 -1.68 -11.74
N GLU A 70 2.22 -1.72 -12.82
CA GLU A 70 1.84 -3.00 -13.38
C GLU A 70 3.07 -3.76 -13.90
N GLU A 71 4.03 -3.07 -14.54
CA GLU A 71 5.25 -3.75 -14.98
C GLU A 71 6.08 -4.31 -13.79
N LYS A 72 6.21 -3.51 -12.72
CA LYS A 72 6.93 -3.98 -11.55
C LYS A 72 6.21 -5.15 -10.92
N GLU A 75 6.90 -8.20 -13.02
CA GLU A 75 8.28 -8.65 -12.86
C GLU A 75 8.45 -9.37 -11.50
N PHE A 76 7.85 -8.82 -10.45
CA PHE A 76 7.88 -9.44 -9.12
C PHE A 76 7.16 -10.82 -9.12
N LEU A 77 5.97 -10.86 -9.73
CA LEU A 77 5.18 -12.07 -9.82
C LEU A 77 5.95 -13.16 -10.57
N GLN A 78 6.56 -12.79 -11.68
CA GLN A 78 7.30 -13.78 -12.47
C GLN A 78 8.49 -14.32 -11.68
N LEU A 79 9.23 -13.42 -11.00
CA LEU A 79 10.43 -13.84 -10.30
C LEU A 79 10.07 -14.63 -9.08
N SER A 81 7.48 -16.50 -8.73
CA SER A 81 7.11 -17.81 -9.24
C SER A 81 8.34 -18.66 -9.60
N LYS A 82 9.31 -18.04 -10.26
CA LYS A 82 10.51 -18.76 -10.67
C LYS A 82 11.30 -19.22 -9.46
N PHE A 83 11.46 -18.34 -8.48
CA PHE A 83 12.28 -18.68 -7.30
C PHE A 83 11.58 -19.71 -6.42
N LYS A 84 10.25 -19.68 -6.42
CA LYS A 84 9.52 -20.70 -5.73
C LYS A 84 9.72 -22.07 -6.39
N GLU A 85 9.84 -22.09 -7.71
CA GLU A 85 10.03 -23.37 -8.43
C GLU A 85 11.42 -23.92 -8.13
N GLY A 87 12.75 -23.84 -5.42
CA GLY A 87 12.67 -24.41 -4.09
C GLY A 87 12.91 -23.47 -2.90
N PHE A 88 12.95 -22.17 -3.15
CA PHE A 88 13.14 -21.22 -2.05
C PHE A 88 11.82 -20.95 -1.33
N GLU A 89 11.91 -20.43 -0.11
CA GLU A 89 10.76 -20.05 0.73
C GLU A 89 10.20 -18.69 0.38
N LEU A 90 8.87 -18.62 0.33
CA LEU A 90 8.19 -17.38 -0.07
C LEU A 90 8.62 -16.19 0.75
N LYS A 91 8.73 -16.38 2.07
CA LYS A 91 9.09 -15.26 2.93
C LYS A 91 10.46 -14.69 2.53
N ASP A 92 11.44 -15.57 2.30
CA ASP A 92 12.77 -15.13 1.84
C ASP A 92 12.70 -14.48 0.47
N ILE A 93 11.92 -15.07 -0.42
CA ILE A 93 11.82 -14.55 -1.77
C ILE A 93 11.29 -13.11 -1.80
N LYS A 94 10.18 -12.86 -1.08
CA LYS A 94 9.60 -11.51 -0.99
C LYS A 94 10.63 -10.54 -0.46
N GLU A 95 11.34 -10.94 0.59
CA GLU A 95 12.30 -10.05 1.21
C GLU A 95 13.41 -9.65 0.22
N VAL A 96 14.00 -10.62 -0.48
CA VAL A 96 15.12 -10.25 -1.36
C VAL A 96 14.67 -9.52 -2.62
N LEU A 97 13.50 -9.87 -3.14
CA LEU A 97 13.01 -9.14 -4.28
C LEU A 97 12.72 -7.70 -3.93
N LEU A 98 12.17 -7.44 -2.72
CA LEU A 98 11.92 -6.09 -2.31
C LEU A 98 13.24 -5.33 -2.15
N LEU A 99 14.19 -5.93 -1.44
CA LEU A 99 15.45 -5.23 -1.15
C LEU A 99 16.18 -4.90 -2.46
N HIS A 100 16.19 -5.86 -3.37
CA HIS A 100 16.99 -5.69 -4.59
C HIS A 100 16.22 -5.15 -5.80
N ASN A 101 15.00 -4.64 -5.56
CA ASN A 101 14.20 -4.05 -6.62
C ASN A 101 14.06 -5.01 -7.80
N ASN A 102 13.71 -6.25 -7.49
CA ASN A 102 13.43 -7.28 -8.51
C ASN A 102 14.62 -7.65 -9.36
N ASP A 103 15.83 -7.37 -8.88
CA ASP A 103 16.99 -7.79 -9.68
C ASP A 103 17.23 -9.25 -9.49
N GLN A 104 17.10 -10.05 -10.54
CA GLN A 104 17.20 -11.50 -10.40
C GLN A 104 18.53 -11.99 -9.85
N ASP A 105 19.66 -11.52 -10.38
CA ASP A 105 20.91 -12.13 -9.98
C ASP A 105 21.26 -11.82 -8.52
N ASN A 106 21.06 -10.57 -8.12
CA ASN A 106 21.29 -10.16 -6.73
C ASN A 106 20.38 -10.90 -5.76
N ALA A 107 19.09 -11.00 -6.13
CA ALA A 107 18.15 -11.75 -5.30
C ALA A 107 18.58 -13.21 -5.20
N LEU A 108 18.97 -13.80 -6.33
CA LEU A 108 19.40 -15.18 -6.32
C LEU A 108 20.67 -15.40 -5.47
N GLU A 109 21.62 -14.50 -5.61
CA GLU A 109 22.87 -14.67 -4.90
C GLU A 109 22.61 -14.62 -3.39
N ASP A 110 21.71 -13.73 -3.02
CA ASP A 110 21.27 -13.54 -1.65
C ASP A 110 20.61 -14.82 -1.10
N LEU A 111 19.66 -15.36 -1.86
CA LEU A 111 18.98 -16.60 -1.47
C LEU A 111 19.93 -17.79 -1.33
N ALA A 113 23.16 -17.70 -0.82
CA ALA A 113 24.08 -17.42 0.27
C ALA A 113 23.48 -17.82 1.61
N ARG A 114 22.20 -17.51 1.81
CA ARG A 114 21.62 -17.78 3.13
C ARG A 114 21.20 -19.25 3.28
N ALA A 115 20.84 -19.88 2.16
CA ALA A 115 20.35 -21.26 2.17
C ALA A 115 21.35 -22.19 2.85
N SER B 2 18.64 -11.55 16.08
CA SER B 2 17.74 -10.40 15.93
C SER B 2 16.43 -10.80 15.27
N HIS B 3 15.37 -10.12 15.68
CA HIS B 3 14.05 -10.33 15.11
C HIS B 3 13.98 -9.77 13.68
N SER B 5 15.09 -9.31 9.69
CA SER B 5 15.61 -10.12 8.60
C SER B 5 16.96 -9.54 8.14
N PRO B 6 17.69 -10.33 7.36
CA PRO B 6 18.94 -9.75 6.87
C PRO B 6 18.73 -8.47 6.05
N SER B 7 17.66 -8.39 5.24
CA SER B 7 17.45 -7.21 4.42
C SER B 7 17.05 -6.05 5.30
N GLU B 8 16.30 -6.31 6.35
CA GLU B 8 15.97 -5.23 7.27
C GLU B 8 17.21 -4.63 7.90
N ARG B 9 18.14 -5.49 8.33
CA ARG B 9 19.35 -5.00 8.97
C ARG B 9 20.19 -4.22 7.99
N GLN B 10 20.26 -4.71 6.72
CA GLN B 10 21.00 -3.94 5.75
C GLN B 10 20.41 -2.55 5.54
N CYS B 11 19.08 -2.46 5.51
CA CYS B 11 18.44 -1.14 5.37
C CYS B 11 18.77 -0.21 6.50
N VAL B 12 18.66 -0.72 7.72
CA VAL B 12 18.97 0.10 8.91
C VAL B 12 20.41 0.57 8.82
N GLU B 13 21.34 -0.36 8.58
CA GLU B 13 22.74 0.04 8.54
C GLU B 13 22.99 1.17 7.52
N THR B 14 22.47 1.00 6.31
CA THR B 14 22.72 1.99 5.28
C THR B 14 22.07 3.31 5.54
N VAL B 15 20.82 3.32 6.00
CA VAL B 15 20.12 4.60 6.13
C VAL B 15 20.60 5.34 7.38
N VAL B 16 20.95 4.58 8.42
CA VAL B 16 21.52 5.22 9.60
C VAL B 16 22.88 5.85 9.21
N ASN B 17 23.61 5.19 8.32
CA ASN B 17 24.88 5.79 7.81
C ASN B 17 24.65 7.10 7.03
N GLY B 19 22.76 9.32 7.96
CA GLY B 19 22.67 10.40 8.95
C GLY B 19 21.35 10.45 9.70
N TYR B 20 20.49 9.49 9.44
CA TYR B 20 19.21 9.41 10.17
C TYR B 20 19.35 8.69 11.50
N SER B 21 18.50 9.08 12.46
CA SER B 21 18.45 8.38 13.75
C SER B 21 17.87 6.98 13.60
N TYR B 22 18.25 6.08 14.50
CA TYR B 22 17.65 4.76 14.50
C TYR B 22 16.14 4.79 14.61
N GLU B 23 15.63 5.61 15.51
CA GLU B 23 14.18 5.66 15.68
C GLU B 23 13.45 6.06 14.37
N CYS B 24 13.97 7.08 13.69
CA CYS B 24 13.36 7.52 12.45
C CYS B 24 13.40 6.41 11.40
N VAL B 25 14.56 5.75 11.26
CA VAL B 25 14.67 4.68 10.28
C VAL B 25 13.76 3.52 10.57
N LEU B 26 13.72 3.08 11.83
CA LEU B 26 12.84 1.95 12.16
C LEU B 26 11.38 2.29 11.88
N ARG B 27 10.94 3.48 12.29
CA ARG B 27 9.57 3.92 12.03
C ARG B 27 9.31 3.99 10.54
N ALA B 28 10.26 4.57 9.79
CA ALA B 28 10.05 4.69 8.34
C ALA B 28 10.00 3.33 7.68
N LYS B 30 9.00 0.47 8.99
CA LYS B 30 7.74 -0.18 9.34
C LYS B 30 6.66 0.30 8.34
N ALA B 31 6.70 1.60 8.01
CA ALA B 31 5.74 2.20 7.10
C ALA B 31 6.01 1.84 5.63
N ALA B 32 7.27 1.88 5.23
CA ALA B 32 7.61 1.92 3.80
C ALA B 32 8.16 0.59 3.26
N GLY B 33 8.54 -0.33 4.17
CA GLY B 33 9.11 -1.62 3.78
C GLY B 33 10.64 -1.59 3.71
N ALA B 34 11.27 -2.77 3.73
CA ALA B 34 12.74 -2.86 3.78
C ALA B 34 13.33 -2.75 2.37
N ASN B 35 13.28 -1.53 1.86
CA ASN B 35 13.96 -1.16 0.62
C ASN B 35 14.53 0.24 0.88
N ILE B 36 15.81 0.44 0.59
CA ILE B 36 16.49 1.68 0.96
C ILE B 36 15.85 2.91 0.31
N GLU B 37 15.58 2.86 -1.01
CA GLU B 37 14.95 4.01 -1.64
C GLU B 37 13.59 4.29 -1.07
N GLN B 38 12.82 3.24 -0.72
CA GLN B 38 11.50 3.52 -0.23
C GLN B 38 11.58 4.16 1.14
N ILE B 39 12.56 3.74 1.93
CA ILE B 39 12.73 4.32 3.27
C ILE B 39 13.17 5.76 3.16
N LEU B 40 14.16 6.04 2.30
CA LEU B 40 14.62 7.41 2.18
C LEU B 40 13.53 8.33 1.63
N ASP B 41 12.75 7.86 0.65
CA ASP B 41 11.71 8.69 0.08
C ASP B 41 10.68 9.05 1.16
N TYR B 42 10.31 8.07 1.98
CA TYR B 42 9.38 8.29 3.09
C TYR B 42 9.94 9.31 4.09
N LEU B 43 11.19 9.10 4.50
CA LEU B 43 11.80 10.00 5.46
C LEU B 43 11.84 11.41 4.89
N PHE B 44 12.17 11.55 3.60
CA PHE B 44 12.30 12.90 3.05
C PHE B 44 10.91 13.53 2.94
N ALA B 45 9.93 12.77 2.47
CA ALA B 45 8.61 13.37 2.26
C ALA B 45 8.00 13.75 3.58
N HIS B 46 8.12 12.86 4.56
CA HIS B 46 7.61 13.13 5.90
C HIS B 46 8.23 14.43 6.43
N GLY B 47 9.56 14.55 6.34
CA GLY B 47 10.20 15.79 6.75
C GLY B 47 9.73 17.03 6.00
N GLN B 48 9.59 16.94 4.69
CA GLN B 48 9.20 18.12 3.91
C GLN B 48 7.80 18.59 4.26
N LEU B 49 6.91 17.63 4.50
CA LEU B 49 5.51 17.96 4.79
C LEU B 49 5.35 18.54 6.19
N CYS B 50 6.06 17.97 7.15
CA CYS B 50 6.02 18.56 8.49
C CYS B 50 6.56 19.98 8.44
N GLU B 51 7.58 20.21 7.62
CA GLU B 51 8.20 21.52 7.61
C GLU B 51 7.21 22.55 7.03
N LYS B 52 6.34 22.11 6.15
CA LYS B 52 5.32 22.96 5.55
C LYS B 52 4.21 23.27 6.53
N GLY B 53 4.23 22.66 7.72
CA GLY B 53 3.23 22.95 8.75
C GLY B 53 2.11 21.93 8.92
N PHE B 54 2.13 20.87 8.12
CA PHE B 54 1.12 19.80 8.26
C PHE B 54 1.30 18.99 9.55
N ASP B 55 0.19 18.57 10.14
CA ASP B 55 0.21 17.76 11.38
C ASP B 55 0.87 16.43 11.01
N PRO B 56 1.93 16.04 11.75
CA PRO B 56 2.63 14.77 11.44
C PRO B 56 1.72 13.54 11.44
N LEU B 57 0.71 13.49 12.30
CA LEU B 57 -0.23 12.38 12.22
C LEU B 57 -1.00 12.34 10.89
N LEU B 58 -1.37 13.49 10.36
CA LEU B 58 -2.08 13.53 9.08
C LEU B 58 -1.11 13.24 7.93
N VAL B 59 0.12 13.74 8.05
CA VAL B 59 1.17 13.42 7.06
C VAL B 59 1.32 11.90 6.96
N GLU B 60 1.38 11.24 8.11
CA GLU B 60 1.54 9.80 8.12
C GLU B 60 0.38 9.06 7.45
N GLU B 61 -0.84 9.56 7.66
CA GLU B 61 -2.02 8.98 7.05
C GLU B 61 -1.94 9.16 5.53
N ALA B 62 -1.52 10.35 5.10
CA ALA B 62 -1.46 10.65 3.66
C ALA B 62 -0.40 9.79 2.96
N LEU B 63 0.77 9.63 3.61
CA LEU B 63 1.83 8.82 3.01
C LEU B 63 1.42 7.36 2.90
N GLU B 64 0.58 6.90 3.83
CA GLU B 64 0.10 5.53 3.77
C GLU B 64 -0.95 5.35 2.68
N HIS B 66 -1.62 7.16 0.00
CA HIS B 66 -1.29 7.50 -1.41
C HIS B 66 0.16 7.33 -1.73
N GLN B 67 0.54 6.08 -1.95
CA GLN B 67 1.93 5.73 -2.22
C GLN B 67 2.30 5.94 -3.69
N CYS B 68 1.29 6.05 -4.56
CA CYS B 68 1.57 6.10 -5.99
C CYS B 68 1.62 7.48 -6.62
N SER B 69 0.82 8.39 -6.10
CA SER B 69 0.72 9.73 -6.67
C SER B 69 0.99 10.83 -5.65
N GLU B 70 2.04 11.62 -5.88
CA GLU B 70 2.32 12.74 -5.00
C GLU B 70 1.18 13.76 -5.09
N GLU B 71 0.66 13.97 -6.29
CA GLU B 71 -0.47 14.88 -6.49
C GLU B 71 -1.72 14.44 -5.68
N LYS B 72 -2.09 13.16 -5.78
CA LYS B 72 -3.22 12.68 -5.00
C LYS B 72 -2.92 12.68 -3.51
N GLU B 75 -3.45 16.20 -2.37
CA GLU B 75 -4.86 16.57 -2.38
C GLU B 75 -5.54 15.97 -1.17
N PHE B 76 -5.22 14.70 -0.90
CA PHE B 76 -5.78 13.98 0.25
C PHE B 76 -5.37 14.66 1.55
N LEU B 77 -4.08 15.01 1.65
CA LEU B 77 -3.58 15.68 2.84
C LEU B 77 -4.24 17.01 3.08
N GLN B 78 -4.39 17.82 2.03
CA GLN B 78 -5.02 19.12 2.20
C GLN B 78 -6.49 19.02 2.59
N LEU B 79 -7.21 18.08 1.98
CA LEU B 79 -8.62 17.95 2.32
C LEU B 79 -8.81 17.32 3.71
N SER B 81 -6.82 17.74 6.19
CA SER B 81 -6.54 18.86 7.08
C SER B 81 -7.73 19.79 7.21
N LYS B 82 -8.35 20.10 6.08
CA LYS B 82 -9.51 20.99 6.07
C LYS B 82 -10.65 20.42 6.88
N PHE B 83 -11.01 19.18 6.58
CA PHE B 83 -12.14 18.54 7.21
C PHE B 83 -11.90 18.30 8.69
N LYS B 84 -10.65 18.00 9.05
CA LYS B 84 -10.30 17.82 10.43
C LYS B 84 -10.43 19.14 11.20
N GLU B 85 -10.08 20.25 10.56
CA GLU B 85 -10.19 21.56 11.21
C GLU B 85 -11.66 22.00 11.34
N GLY B 87 -13.87 19.96 12.23
CA GLY B 87 -14.33 19.18 13.37
C GLY B 87 -14.79 17.76 13.07
N PHE B 88 -14.70 17.30 11.82
CA PHE B 88 -15.07 15.90 11.50
C PHE B 88 -14.06 14.91 12.07
N GLU B 89 -14.48 13.66 12.22
CA GLU B 89 -13.61 12.59 12.75
C GLU B 89 -12.71 12.01 11.66
N LEU B 90 -11.46 11.76 12.03
CA LEU B 90 -10.44 11.32 11.10
C LEU B 90 -10.87 10.02 10.40
N LYS B 91 -11.43 9.09 11.17
CA LYS B 91 -11.83 7.81 10.59
C LYS B 91 -12.86 8.03 9.48
N ASP B 92 -13.85 8.91 9.72
CA ASP B 92 -14.82 9.27 8.67
C ASP B 92 -14.18 10.00 7.49
N ILE B 93 -13.25 10.91 7.77
CA ILE B 93 -12.67 11.69 6.69
C ILE B 93 -11.89 10.78 5.74
N LYS B 94 -11.07 9.91 6.30
CA LYS B 94 -10.35 8.93 5.45
C LYS B 94 -11.29 8.13 4.57
N GLU B 95 -12.38 7.66 5.17
CA GLU B 95 -13.29 6.78 4.47
C GLU B 95 -13.92 7.50 3.25
N VAL B 96 -14.38 8.73 3.46
CA VAL B 96 -15.12 9.40 2.39
C VAL B 96 -14.17 9.92 1.30
N LEU B 97 -12.99 10.38 1.67
CA LEU B 97 -12.00 10.79 0.68
C LEU B 97 -11.57 9.59 -0.17
N LEU B 98 -11.42 8.41 0.44
CA LEU B 98 -11.07 7.23 -0.34
C LEU B 98 -12.19 6.88 -1.30
N LEU B 99 -13.43 6.82 -0.79
CA LEU B 99 -14.58 6.39 -1.63
C LEU B 99 -14.74 7.34 -2.82
N HIS B 100 -14.59 8.64 -2.57
CA HIS B 100 -14.88 9.64 -3.58
C HIS B 100 -13.64 10.17 -4.34
N ASN B 101 -12.52 9.48 -4.23
CA ASN B 101 -11.32 9.87 -4.97
C ASN B 101 -10.97 11.36 -4.75
N ASN B 102 -10.97 11.75 -3.48
CA ASN B 102 -10.67 13.11 -3.04
C ASN B 102 -11.56 14.22 -3.56
N ASP B 103 -12.78 13.90 -3.96
CA ASP B 103 -13.68 14.96 -4.45
C ASP B 103 -14.25 15.69 -3.23
N GLN B 104 -13.92 16.98 -3.12
CA GLN B 104 -14.28 17.77 -1.95
C GLN B 104 -15.79 17.82 -1.72
N ASP B 105 -16.54 18.12 -2.77
CA ASP B 105 -17.99 18.26 -2.61
C ASP B 105 -18.69 16.95 -2.20
N ASN B 106 -18.37 15.85 -2.85
CA ASN B 106 -18.94 14.54 -2.49
C ASN B 106 -18.54 14.15 -1.07
N ALA B 107 -17.28 14.40 -0.71
CA ALA B 107 -16.80 13.99 0.60
C ALA B 107 -17.55 14.76 1.68
N LEU B 108 -17.72 16.05 1.46
CA LEU B 108 -18.40 16.90 2.43
C LEU B 108 -19.86 16.49 2.58
N GLU B 109 -20.50 16.24 1.44
CA GLU B 109 -21.90 15.82 1.43
C GLU B 109 -22.03 14.56 2.29
N ASP B 110 -21.12 13.61 2.11
CA ASP B 110 -21.16 12.39 2.94
C ASP B 110 -20.88 12.64 4.43
N LEU B 111 -19.90 13.50 4.73
CA LEU B 111 -19.53 13.77 6.12
C LEU B 111 -20.68 14.46 6.82
N ALA B 113 -23.80 14.19 6.16
CA ALA B 113 -24.91 13.30 6.34
C ALA B 113 -24.76 12.49 7.65
N ARG B 114 -23.57 12.53 8.26
CA ARG B 114 -23.26 11.80 9.49
C ARG B 114 -22.62 12.72 10.57
N ALA B 115 -22.64 14.04 10.33
CA ALA B 115 -21.91 15.00 11.19
C ALA B 115 -22.26 14.89 12.68
N GLY B 116 -23.53 14.60 12.97
CA GLY B 116 -23.98 14.51 14.34
C GLY B 116 -24.02 13.09 14.85
#